data_9MX9
#
_entry.id   9MX9
#
_cell.length_a   119.000
_cell.length_b   119.000
_cell.length_c   95.316
_cell.angle_alpha   90.00
_cell.angle_beta   90.00
_cell.angle_gamma   90.00
#
_symmetry.space_group_name_H-M   'I 41 2 2'
#
loop_
_entity.id
_entity.type
_entity.pdbx_description
1 polymer 'Friend leukemia integration 1 transcription factor'
2 polymer "DNA (5'-D(*GP*AP*CP*CP*GP*GP*AP*AP*GP*GP*AP*AP*GP*TP*G)-3')"
3 polymer "DNA (5'-D(*CP*AP*CP*TP*TP*CP*CP*TP*TP*CP*CP*GP*GP*TP*C)-3')"
4 non-polymer 'CALCIUM ION'
5 water water
#
loop_
_entity_poly.entity_id
_entity_poly.type
_entity_poly.pdbx_seq_one_letter_code
_entity_poly.pdbx_strand_id
1 'polypeptide(L)'
;GPHMQPDPYQILGPTSSRLANPGSGQIQLWQFLLELLSDSANASCITWEGTNGEFKMTDPDEVARRWGERKSKPNMNYDK
LSRALRYYYDKNIMTKVHGKRYAYKFDAHGIAQALQPHPTESSMYKYPSDISYMPSYHAHQQKVN
;
A,D
2 'polydeoxyribonucleotide' (DG)(DA)(DC)(DC)(DG)(DG)(DA)(DA)(DG)(DG)(DA)(DA)(DG)(DT)(DG) E
3 'polydeoxyribonucleotide' (DC)(DA)(DC)(DT)(DT)(DC)(DC)(DT)(DT)(DC)(DC)(DG)(DG)(DT)(DC) F
#
loop_
_chem_comp.id
_chem_comp.type
_chem_comp.name
_chem_comp.formula
CA non-polymer 'CALCIUM ION' 'Ca 2'
DA DNA linking 2'-DEOXYADENOSINE-5'-MONOPHOSPHATE 'C10 H14 N5 O6 P'
DC DNA linking 2'-DEOXYCYTIDINE-5'-MONOPHOSPHATE 'C9 H14 N3 O7 P'
DG DNA linking 2'-DEOXYGUANOSINE-5'-MONOPHOSPHATE 'C10 H14 N5 O7 P'
DT DNA linking THYMIDINE-5'-MONOPHOSPHATE 'C10 H15 N2 O8 P'
#
# COMPACT_ATOMS: atom_id res chain seq x y z
N GLY A 25 -14.96 -7.20 -14.47
CA GLY A 25 -15.48 -5.82 -14.22
C GLY A 25 -16.95 -5.83 -13.82
N GLN A 26 -17.52 -4.64 -13.54
CA GLN A 26 -18.91 -4.41 -13.06
C GLN A 26 -19.02 -4.78 -11.57
N ILE A 27 -18.52 -5.96 -11.19
CA ILE A 27 -18.59 -6.51 -9.80
C ILE A 27 -17.97 -5.52 -8.81
N GLN A 28 -18.46 -5.54 -7.58
CA GLN A 28 -18.00 -4.68 -6.46
C GLN A 28 -17.26 -5.55 -5.43
N LEU A 29 -16.29 -4.96 -4.74
CA LEU A 29 -15.36 -5.68 -3.83
C LEU A 29 -16.17 -6.47 -2.80
N TRP A 30 -17.16 -5.86 -2.14
CA TRP A 30 -17.96 -6.55 -1.09
C TRP A 30 -18.60 -7.83 -1.66
N GLN A 31 -19.12 -7.81 -2.89
CA GLN A 31 -19.66 -9.02 -3.58
C GLN A 31 -18.52 -10.03 -3.80
N PHE A 32 -17.41 -9.61 -4.38
CA PHE A 32 -16.24 -10.48 -4.69
C PHE A 32 -15.77 -11.21 -3.42
N LEU A 33 -15.80 -10.52 -2.27
CA LEU A 33 -15.37 -11.10 -0.98
C LEU A 33 -16.41 -12.13 -0.51
N LEU A 34 -17.70 -11.82 -0.63
CA LEU A 34 -18.81 -12.76 -0.29
C LEU A 34 -18.73 -14.00 -1.18
N GLU A 35 -18.42 -13.83 -2.46
CA GLU A 35 -18.20 -14.95 -3.41
C GLU A 35 -17.15 -15.89 -2.80
N LEU A 36 -15.93 -15.40 -2.55
CA LEU A 36 -14.82 -16.20 -1.98
C LEU A 36 -15.27 -16.85 -0.66
N LEU A 37 -15.89 -16.08 0.23
CA LEU A 37 -16.18 -16.51 1.62
C LEU A 37 -17.20 -17.65 1.64
N SER A 38 -18.14 -17.66 0.67
CA SER A 38 -19.22 -18.68 0.53
C SER A 38 -18.62 -20.07 0.26
N ASP A 39 -17.48 -20.10 -0.44
CA ASP A 39 -16.73 -21.32 -0.84
C ASP A 39 -15.52 -21.49 0.08
N SER A 40 -15.60 -22.39 1.06
CA SER A 40 -14.54 -22.63 2.08
C SER A 40 -13.38 -23.46 1.48
N ALA A 41 -13.34 -23.59 0.14
CA ALA A 41 -12.16 -24.03 -0.64
C ALA A 41 -11.12 -22.91 -0.66
N ASN A 42 -11.55 -21.66 -0.44
CA ASN A 42 -10.72 -20.43 -0.43
C ASN A 42 -10.20 -20.14 0.99
N ALA A 43 -10.47 -21.03 1.95
CA ALA A 43 -10.13 -20.90 3.39
C ALA A 43 -8.64 -20.57 3.59
N SER A 44 -7.76 -20.97 2.66
CA SER A 44 -6.29 -20.77 2.75
C SER A 44 -5.92 -19.29 2.63
N CYS A 45 -6.81 -18.43 2.09
CA CYS A 45 -6.56 -16.98 1.90
C CYS A 45 -7.65 -16.09 2.54
N ILE A 46 -8.87 -16.60 2.74
CA ILE A 46 -9.97 -15.84 3.41
C ILE A 46 -11.07 -16.80 3.88
N THR A 47 -11.48 -16.67 5.15
CA THR A 47 -12.53 -17.52 5.77
C THR A 47 -13.34 -16.72 6.78
N TRP A 48 -14.58 -17.14 7.03
CA TRP A 48 -15.41 -16.72 8.19
C TRP A 48 -14.70 -17.14 9.47
N GLU A 49 -14.94 -16.42 10.57
CA GLU A 49 -14.34 -16.71 11.90
C GLU A 49 -15.46 -16.87 12.94
N GLY A 50 -16.28 -15.85 13.17
CA GLY A 50 -17.41 -15.92 14.11
C GLY A 50 -18.59 -16.68 13.53
N THR A 51 -19.80 -16.32 13.94
CA THR A 51 -21.09 -16.65 13.27
C THR A 51 -21.85 -15.36 12.96
N ASN A 52 -21.22 -14.20 13.18
CA ASN A 52 -21.85 -12.85 13.21
C ASN A 52 -21.34 -11.99 12.05
N GLY A 53 -20.72 -12.60 11.04
CA GLY A 53 -20.28 -11.91 9.81
C GLY A 53 -18.81 -11.52 9.85
N GLU A 54 -18.10 -11.84 10.93
CA GLU A 54 -16.64 -11.62 11.05
C GLU A 54 -15.92 -12.55 10.07
N PHE A 55 -14.93 -12.03 9.35
CA PHE A 55 -14.04 -12.82 8.46
C PHE A 55 -12.62 -12.29 8.61
N LYS A 56 -11.65 -13.17 8.38
CA LYS A 56 -10.19 -12.86 8.37
C LYS A 56 -9.62 -13.25 7.00
N MET A 57 -8.75 -12.40 6.45
CA MET A 57 -7.94 -12.72 5.25
C MET A 57 -6.65 -13.37 5.73
N THR A 58 -6.58 -14.69 5.63
CA THR A 58 -5.44 -15.53 6.08
C THR A 58 -4.23 -15.27 5.17
N ASP A 59 -4.48 -14.97 3.89
CA ASP A 59 -3.46 -14.52 2.90
C ASP A 59 -3.96 -13.27 2.20
N PRO A 60 -3.71 -12.07 2.78
CA PRO A 60 -4.17 -10.80 2.20
C PRO A 60 -3.64 -10.48 0.80
N ASP A 61 -2.39 -10.84 0.50
CA ASP A 61 -1.73 -10.59 -0.81
C ASP A 61 -2.46 -11.42 -1.89
N GLU A 62 -2.88 -12.63 -1.51
CA GLU A 62 -3.61 -13.58 -2.39
C GLU A 62 -5.01 -13.03 -2.70
N VAL A 63 -5.69 -12.46 -1.69
CA VAL A 63 -7.04 -11.83 -1.87
C VAL A 63 -6.89 -10.62 -2.79
N ALA A 64 -5.85 -9.80 -2.59
CA ALA A 64 -5.56 -8.62 -3.43
C ALA A 64 -5.31 -9.07 -4.88
N ARG A 65 -4.48 -10.09 -5.06
CA ARG A 65 -4.08 -10.61 -6.41
C ARG A 65 -5.33 -10.99 -7.21
N ARG A 66 -6.18 -11.85 -6.64
CA ARG A 66 -7.44 -12.36 -7.26
C ARG A 66 -8.39 -11.20 -7.56
N TRP A 67 -8.51 -10.24 -6.63
CA TRP A 67 -9.30 -9.01 -6.82
C TRP A 67 -8.74 -8.23 -8.01
N GLY A 68 -7.41 -8.07 -8.06
CA GLY A 68 -6.70 -7.47 -9.21
C GLY A 68 -7.01 -8.23 -10.48
N GLU A 69 -6.79 -9.55 -10.46
CA GLU A 69 -7.05 -10.50 -11.58
C GLU A 69 -8.47 -10.25 -12.10
N ARG A 70 -9.45 -10.19 -11.20
CA ARG A 70 -10.90 -10.08 -11.52
C ARG A 70 -11.19 -8.78 -12.28
N LYS A 71 -10.59 -7.66 -11.84
CA LYS A 71 -10.95 -6.30 -12.30
C LYS A 71 -9.93 -5.80 -13.33
N SER A 72 -9.13 -6.70 -13.91
CA SER A 72 -8.03 -6.36 -14.86
C SER A 72 -7.28 -5.15 -14.32
N LYS A 73 -6.70 -5.31 -13.12
CA LYS A 73 -5.94 -4.26 -12.38
C LYS A 73 -4.71 -4.94 -11.78
N PRO A 74 -3.61 -5.07 -12.54
CA PRO A 74 -2.52 -5.98 -12.18
C PRO A 74 -1.59 -5.50 -11.05
N ASN A 75 -1.71 -4.24 -10.60
CA ASN A 75 -0.86 -3.66 -9.53
C ASN A 75 -1.61 -3.63 -8.19
N MET A 76 -2.67 -4.44 -8.05
CA MET A 76 -3.55 -4.46 -6.84
C MET A 76 -2.81 -5.16 -5.70
N ASN A 77 -2.93 -4.63 -4.48
CA ASN A 77 -2.23 -5.09 -3.26
C ASN A 77 -3.11 -4.75 -2.03
N TYR A 78 -2.82 -5.32 -0.86
CA TYR A 78 -3.67 -5.20 0.35
C TYR A 78 -3.87 -3.72 0.70
N ASP A 79 -2.84 -2.88 0.55
CA ASP A 79 -2.88 -1.43 0.91
C ASP A 79 -4.05 -0.79 0.17
N LYS A 80 -4.17 -1.07 -1.13
CA LYS A 80 -5.21 -0.50 -2.03
C LYS A 80 -6.57 -1.17 -1.78
N LEU A 81 -6.59 -2.50 -1.62
CA LEU A 81 -7.84 -3.26 -1.31
C LEU A 81 -8.43 -2.79 0.03
N SER A 82 -7.61 -2.73 1.08
CA SER A 82 -8.04 -2.35 2.45
C SER A 82 -8.57 -0.91 2.46
N ARG A 83 -8.02 -0.03 1.62
CA ARG A 83 -8.51 1.36 1.49
C ARG A 83 -9.95 1.34 0.96
N ALA A 84 -10.22 0.46 -0.01
CA ALA A 84 -11.58 0.23 -0.56
C ALA A 84 -12.52 -0.24 0.57
N LEU A 85 -12.04 -1.15 1.43
CA LEU A 85 -12.84 -1.70 2.55
C LEU A 85 -13.12 -0.57 3.54
N ARG A 86 -12.15 0.33 3.74
CA ARG A 86 -12.28 1.47 4.67
C ARG A 86 -13.38 2.41 4.19
N TYR A 87 -13.64 2.48 2.89
CA TYR A 87 -14.73 3.30 2.30
C TYR A 87 -16.11 2.70 2.63
N TYR A 88 -16.18 1.40 2.94
CA TYR A 88 -17.43 0.69 3.26
C TYR A 88 -17.91 1.01 4.69
N TYR A 89 -17.03 1.51 5.57
CA TYR A 89 -17.39 1.83 6.97
C TYR A 89 -18.57 2.82 6.97
N ASP A 90 -18.44 3.93 6.24
CA ASP A 90 -19.45 5.01 6.19
C ASP A 90 -20.68 4.56 5.39
N LYS A 91 -20.57 3.48 4.60
CA LYS A 91 -21.69 2.86 3.84
C LYS A 91 -22.37 1.76 4.67
N ASN A 92 -21.93 1.53 5.91
CA ASN A 92 -22.52 0.54 6.85
C ASN A 92 -22.49 -0.88 6.26
N ILE A 93 -21.63 -1.13 5.25
CA ILE A 93 -21.54 -2.44 4.56
C ILE A 93 -20.65 -3.37 5.41
N MET A 94 -19.56 -2.85 5.96
CA MET A 94 -18.70 -3.62 6.89
C MET A 94 -18.00 -2.68 7.87
N THR A 95 -17.42 -3.28 8.91
CA THR A 95 -16.64 -2.59 9.97
C THR A 95 -15.36 -3.38 10.20
N LYS A 96 -14.37 -2.72 10.81
CA LYS A 96 -13.10 -3.35 11.22
C LYS A 96 -13.37 -4.14 12.51
N VAL A 97 -12.84 -5.36 12.60
CA VAL A 97 -12.73 -6.13 13.87
C VAL A 97 -11.50 -5.62 14.60
N HIS A 98 -11.70 -4.70 15.56
CA HIS A 98 -10.63 -3.84 16.13
C HIS A 98 -9.62 -4.72 16.88
N GLY A 99 -8.33 -4.59 16.53
CA GLY A 99 -7.21 -5.29 17.19
C GLY A 99 -6.95 -6.68 16.62
N LYS A 100 -7.63 -7.07 15.54
CA LYS A 100 -7.47 -8.40 14.90
C LYS A 100 -6.99 -8.19 13.46
N ARG A 101 -5.78 -8.64 13.16
CA ARG A 101 -5.06 -8.37 11.88
C ARG A 101 -5.89 -8.88 10.70
N TYR A 102 -6.15 -7.99 9.73
CA TYR A 102 -6.77 -8.29 8.41
C TYR A 102 -8.21 -8.79 8.59
N ALA A 103 -8.85 -8.44 9.71
CA ALA A 103 -10.18 -8.96 10.12
C ALA A 103 -11.24 -7.86 10.01
N TYR A 104 -12.37 -8.17 9.36
CA TYR A 104 -13.52 -7.26 9.15
C TYR A 104 -14.81 -8.01 9.47
N LYS A 105 -15.90 -7.26 9.62
CA LYS A 105 -17.26 -7.79 9.97
C LYS A 105 -18.28 -7.22 8.97
N PHE A 106 -18.88 -8.07 8.15
CA PHE A 106 -20.01 -7.72 7.26
C PHE A 106 -21.24 -7.38 8.11
N ASP A 107 -22.07 -6.45 7.61
CA ASP A 107 -23.38 -6.06 8.19
C ASP A 107 -24.48 -6.46 7.19
N ALA A 108 -25.34 -7.42 7.59
CA ALA A 108 -26.45 -7.95 6.76
C ALA A 108 -27.33 -6.80 6.28
N HIS A 109 -27.57 -5.79 7.12
CA HIS A 109 -28.40 -4.61 6.82
C HIS A 109 -27.74 -3.76 5.73
N GLY A 110 -26.41 -3.60 5.81
CA GLY A 110 -25.60 -2.85 4.82
C GLY A 110 -25.53 -3.57 3.49
N ILE A 111 -25.27 -4.88 3.50
CA ILE A 111 -25.27 -5.75 2.29
C ILE A 111 -26.60 -5.58 1.54
N ALA A 112 -27.71 -5.52 2.28
CA ALA A 112 -29.09 -5.45 1.74
C ALA A 112 -29.28 -4.14 0.96
N GLN A 113 -28.83 -3.00 1.53
CA GLN A 113 -28.93 -1.66 0.90
C GLN A 113 -27.99 -1.59 -0.31
N ALA A 114 -26.78 -2.15 -0.20
CA ALA A 114 -25.78 -2.23 -1.29
C ALA A 114 -26.38 -2.99 -2.48
N LEU A 115 -27.33 -3.90 -2.22
CA LEU A 115 -27.98 -4.78 -3.21
C LEU A 115 -29.00 -3.98 -4.05
N GLN A 116 -29.58 -2.92 -3.47
CA GLN A 116 -30.68 -2.13 -4.09
C GLN A 116 -30.13 -1.23 -5.19
N PRO A 117 -30.93 -0.93 -6.24
CA PRO A 117 -30.54 0.07 -7.26
C PRO A 117 -30.09 1.41 -6.68
N ILE B 27 3.02 15.35 -7.72
CA ILE B 27 4.39 14.74 -7.79
C ILE B 27 4.49 13.59 -6.77
N GLN B 28 5.07 12.47 -7.19
CA GLN B 28 5.33 11.26 -6.36
C GLN B 28 6.62 11.47 -5.56
N LEU B 29 6.74 10.88 -4.38
CA LEU B 29 7.98 10.92 -3.57
C LEU B 29 9.15 10.40 -4.40
N TRP B 30 8.96 9.32 -5.16
CA TRP B 30 10.03 8.66 -5.95
C TRP B 30 10.55 9.60 -7.04
N GLN B 31 9.69 10.49 -7.57
CA GLN B 31 10.08 11.54 -8.57
C GLN B 31 10.98 12.56 -7.90
N PHE B 32 10.54 13.09 -6.76
CA PHE B 32 11.22 14.15 -5.98
C PHE B 32 12.61 13.68 -5.56
N LEU B 33 12.74 12.43 -5.10
CA LEU B 33 14.04 11.87 -4.66
C LEU B 33 14.99 11.80 -5.85
N LEU B 34 14.51 11.36 -7.02
CA LEU B 34 15.32 11.29 -8.26
C LEU B 34 15.73 12.71 -8.69
N GLU B 35 14.89 13.70 -8.41
CA GLU B 35 15.15 15.14 -8.68
C GLU B 35 16.34 15.59 -7.84
N LEU B 36 16.35 15.27 -6.55
CA LEU B 36 17.47 15.61 -5.62
C LEU B 36 18.74 14.84 -6.04
N LEU B 37 18.61 13.54 -6.31
CA LEU B 37 19.74 12.61 -6.60
C LEU B 37 20.43 13.00 -7.91
N SER B 38 19.74 13.68 -8.83
CA SER B 38 20.26 14.01 -10.17
C SER B 38 21.22 15.22 -10.08
N ASP B 39 21.04 16.10 -9.09
CA ASP B 39 21.89 17.31 -8.87
C ASP B 39 22.86 17.04 -7.70
N SER B 40 24.17 17.05 -7.97
CA SER B 40 25.27 16.81 -6.99
C SER B 40 25.24 17.83 -5.85
N ALA B 41 24.67 19.02 -6.07
CA ALA B 41 24.56 20.13 -5.09
C ALA B 41 23.72 19.73 -3.87
N ASN B 42 23.02 18.60 -3.92
CA ASN B 42 22.15 18.08 -2.83
C ASN B 42 22.86 16.93 -2.08
N ALA B 43 24.09 16.59 -2.45
CA ALA B 43 24.89 15.48 -1.85
C ALA B 43 24.98 15.69 -0.34
N SER B 44 24.94 16.95 0.11
CA SER B 44 24.91 17.37 1.54
C SER B 44 23.72 16.73 2.26
N CYS B 45 22.61 16.44 1.58
CA CYS B 45 21.40 15.82 2.21
C CYS B 45 21.07 14.45 1.62
N ILE B 46 21.40 14.17 0.35
CA ILE B 46 21.08 12.88 -0.31
C ILE B 46 22.01 12.66 -1.53
N THR B 47 22.44 11.42 -1.76
CA THR B 47 23.48 11.07 -2.76
C THR B 47 23.35 9.61 -3.20
N TRP B 48 23.66 9.33 -4.47
CA TRP B 48 23.93 7.96 -5.00
C TRP B 48 25.12 7.39 -4.26
N GLU B 49 25.25 6.06 -4.22
CA GLU B 49 26.32 5.32 -3.51
C GLU B 49 26.45 3.94 -4.16
N GLY B 50 27.41 3.78 -5.08
CA GLY B 50 27.46 2.66 -6.03
C GLY B 50 26.86 3.06 -7.37
N THR B 51 26.62 2.10 -8.26
CA THR B 51 26.05 2.31 -9.63
C THR B 51 24.69 1.61 -9.77
N ASN B 52 24.30 0.75 -8.83
CA ASN B 52 23.15 -0.20 -8.97
C ASN B 52 21.85 0.44 -8.49
N GLY B 53 21.82 1.76 -8.26
CA GLY B 53 20.63 2.52 -7.84
C GLY B 53 20.54 2.70 -6.33
N GLU B 54 21.47 2.11 -5.57
CA GLU B 54 21.64 2.37 -4.12
C GLU B 54 21.85 3.87 -3.91
N PHE B 55 21.15 4.45 -2.94
CA PHE B 55 21.39 5.84 -2.48
C PHE B 55 21.33 5.85 -0.95
N LYS B 56 21.80 6.95 -0.35
CA LYS B 56 21.84 7.17 1.11
C LYS B 56 21.40 8.61 1.38
N MET B 57 20.61 8.83 2.43
CA MET B 57 20.22 10.19 2.87
C MET B 57 21.22 10.62 3.95
N THR B 58 22.23 11.40 3.54
CA THR B 58 23.32 11.92 4.41
C THR B 58 22.73 12.86 5.47
N ASP B 59 21.59 13.49 5.18
CA ASP B 59 20.80 14.33 6.12
C ASP B 59 19.30 14.05 5.94
N PRO B 60 18.77 12.96 6.54
CA PRO B 60 17.36 12.59 6.36
C PRO B 60 16.36 13.71 6.71
N ASP B 61 16.62 14.44 7.80
CA ASP B 61 15.74 15.52 8.32
C ASP B 61 15.61 16.61 7.24
N GLU B 62 16.68 16.87 6.47
CA GLU B 62 16.70 17.91 5.41
C GLU B 62 15.87 17.43 4.21
N VAL B 63 16.01 16.17 3.81
CA VAL B 63 15.20 15.54 2.73
C VAL B 63 13.71 15.69 3.10
N ALA B 64 13.34 15.23 4.30
CA ALA B 64 11.96 15.30 4.85
C ALA B 64 11.45 16.75 4.81
N ARG B 65 12.24 17.70 5.30
CA ARG B 65 11.86 19.14 5.37
C ARG B 65 11.52 19.64 3.96
N ARG B 66 12.33 19.30 2.95
CA ARG B 66 12.16 19.77 1.56
C ARG B 66 10.95 19.07 0.91
N TRP B 67 10.79 17.77 1.16
CA TRP B 67 9.61 16.98 0.70
C TRP B 67 8.33 17.62 1.27
N GLY B 68 8.36 18.03 2.54
CA GLY B 68 7.27 18.76 3.21
C GLY B 68 6.96 20.09 2.54
N GLU B 69 8.00 20.89 2.22
CA GLU B 69 7.87 22.22 1.58
C GLU B 69 7.25 22.06 0.18
N ARG B 70 7.55 20.96 -0.51
CA ARG B 70 7.07 20.67 -1.90
C ARG B 70 5.55 20.43 -1.91
N LYS B 71 5.05 19.63 -0.95
CA LYS B 71 3.65 19.15 -0.91
C LYS B 71 2.81 20.05 0.03
N SER B 72 3.37 21.17 0.49
CA SER B 72 2.76 22.05 1.52
C SER B 72 2.40 21.20 2.74
N LYS B 73 3.38 20.52 3.33
CA LYS B 73 3.20 19.59 4.47
C LYS B 73 4.26 19.92 5.52
N PRO B 74 4.17 21.11 6.14
CA PRO B 74 5.27 21.64 6.96
C PRO B 74 5.62 20.81 8.21
N ASN B 75 4.79 19.81 8.56
CA ASN B 75 5.03 18.88 9.71
C ASN B 75 5.73 17.60 9.23
N MET B 76 6.10 17.52 7.94
CA MET B 76 6.78 16.32 7.36
C MET B 76 8.11 16.08 8.08
N ASN B 77 8.43 14.80 8.33
CA ASN B 77 9.66 14.34 9.00
C ASN B 77 10.06 12.99 8.37
N TYR B 78 11.12 12.36 8.89
CA TYR B 78 11.72 11.14 8.31
C TYR B 78 10.87 9.90 8.65
N ASP B 79 10.26 9.87 9.84
CA ASP B 79 9.33 8.77 10.24
C ASP B 79 8.26 8.65 9.15
N LYS B 80 7.69 9.77 8.72
CA LYS B 80 6.56 9.81 7.76
C LYS B 80 7.06 9.55 6.34
N LEU B 81 8.18 10.16 5.95
CA LEU B 81 8.74 10.01 4.57
C LEU B 81 9.16 8.56 4.35
N SER B 82 9.75 7.92 5.35
CA SER B 82 10.23 6.51 5.25
C SER B 82 9.03 5.57 5.19
N ARG B 83 7.91 5.92 5.84
CA ARG B 83 6.67 5.12 5.73
C ARG B 83 6.26 5.10 4.25
N ALA B 84 6.33 6.26 3.59
CA ALA B 84 6.02 6.42 2.14
C ALA B 84 6.97 5.54 1.31
N LEU B 85 8.26 5.51 1.65
CA LEU B 85 9.27 4.63 1.00
C LEU B 85 8.93 3.16 1.26
N ARG B 86 8.41 2.83 2.44
CA ARG B 86 8.12 1.43 2.84
C ARG B 86 6.96 0.88 1.98
N TYR B 87 6.03 1.76 1.57
CA TYR B 87 4.89 1.40 0.68
C TYR B 87 5.42 1.04 -0.71
N TYR B 88 6.65 1.43 -1.06
CA TYR B 88 7.30 1.09 -2.35
C TYR B 88 7.85 -0.34 -2.36
N TYR B 89 7.98 -0.99 -1.19
CA TYR B 89 8.54 -2.37 -1.12
C TYR B 89 7.60 -3.34 -1.85
N ASP B 90 6.30 -3.25 -1.60
CA ASP B 90 5.27 -4.19 -2.11
C ASP B 90 5.10 -4.00 -3.63
N LYS B 91 5.29 -2.78 -4.12
CA LYS B 91 5.13 -2.39 -5.55
C LYS B 91 6.41 -2.68 -6.36
N ASN B 92 7.45 -3.21 -5.73
CA ASN B 92 8.76 -3.54 -6.36
C ASN B 92 9.45 -2.28 -6.90
N ILE B 93 9.15 -1.10 -6.34
CA ILE B 93 9.65 0.21 -6.86
C ILE B 93 11.01 0.50 -6.23
N MET B 94 11.18 0.29 -4.93
CA MET B 94 12.52 0.26 -4.29
C MET B 94 12.52 -0.71 -3.11
N THR B 95 13.71 -0.94 -2.55
CA THR B 95 14.01 -1.92 -1.48
C THR B 95 14.96 -1.27 -0.47
N LYS B 96 15.04 -1.78 0.76
CA LYS B 96 15.98 -1.29 1.80
C LYS B 96 17.36 -1.88 1.54
N VAL B 97 18.41 -1.08 1.75
CA VAL B 97 19.81 -1.57 1.89
C VAL B 97 19.97 -2.00 3.34
N HIS B 98 19.75 -3.28 3.62
CA HIS B 98 19.70 -3.90 4.98
C HIS B 98 21.02 -3.64 5.71
N GLY B 99 20.98 -2.93 6.84
CA GLY B 99 22.15 -2.66 7.71
C GLY B 99 22.76 -1.29 7.50
N LYS B 100 22.42 -0.58 6.42
CA LYS B 100 22.99 0.76 6.12
C LYS B 100 21.97 1.84 6.52
N ARG B 101 22.34 2.70 7.46
CA ARG B 101 21.52 3.82 8.01
C ARG B 101 21.10 4.74 6.86
N TYR B 102 19.79 4.86 6.62
CA TYR B 102 19.15 5.84 5.70
C TYR B 102 19.42 5.47 4.23
N ALA B 103 19.71 4.20 3.96
CA ALA B 103 20.12 3.68 2.64
C ALA B 103 19.00 2.83 2.03
N TYR B 104 18.63 3.12 0.78
CA TYR B 104 17.65 2.34 -0.02
C TYR B 104 18.18 2.14 -1.44
N LYS B 105 17.53 1.25 -2.20
CA LYS B 105 17.92 0.91 -3.59
C LYS B 105 16.76 1.23 -4.53
N PHE B 106 16.99 2.17 -5.47
CA PHE B 106 16.06 2.57 -6.57
C PHE B 106 16.73 2.25 -7.91
N ASP B 107 16.71 0.98 -8.32
CA ASP B 107 17.42 0.49 -9.53
C ASP B 107 16.58 0.73 -10.78
N ALA B 108 17.04 0.27 -11.93
CA ALA B 108 16.40 0.47 -13.25
C ALA B 108 15.10 -0.33 -13.33
N HIS B 109 15.05 -1.53 -12.75
CA HIS B 109 13.82 -2.35 -12.60
C HIS B 109 12.78 -1.54 -11.82
N GLY B 110 13.24 -0.90 -10.75
CA GLY B 110 12.41 -0.10 -9.83
C GLY B 110 11.76 1.07 -10.55
N ILE B 111 12.55 1.85 -11.29
CA ILE B 111 12.09 3.05 -12.04
C ILE B 111 11.12 2.61 -13.14
N ALA B 112 11.43 1.50 -13.83
CA ALA B 112 10.57 0.89 -14.87
C ALA B 112 9.18 0.63 -14.28
N GLN B 113 9.13 0.20 -13.02
CA GLN B 113 7.85 -0.16 -12.33
C GLN B 113 7.12 1.14 -11.99
N ALA B 114 7.85 2.19 -11.59
CA ALA B 114 7.32 3.52 -11.23
C ALA B 114 6.68 4.20 -12.45
N LEU B 115 7.27 4.02 -13.64
CA LEU B 115 6.80 4.57 -14.94
C LEU B 115 6.12 3.46 -15.75
N GLN B 116 4.90 3.07 -15.37
CA GLN B 116 4.15 1.94 -15.98
C GLN B 116 2.91 2.46 -16.70
CA CA E . 3.04 -8.95 2.91
CA CA F . 4.65 -5.68 2.55
CA CA G . 12.95 1.93 22.60
CA CA H . 7.43 4.78 16.49
CA CA I . 8.16 3.06 19.43
#